data_4D4J
#
_entry.id   4D4J
#
_cell.length_a   102.430
_cell.length_b   102.430
_cell.length_c   258.630
_cell.angle_alpha   90.00
_cell.angle_beta   90.00
_cell.angle_gamma   120.00
#
_symmetry.space_group_name_H-M   'P 65 2 2'
#
loop_
_entity.id
_entity.type
_entity.pdbx_description
1 polymer '6-PHOSPHOFRUCTO-2-KINASE/FRUCTOSE-2,6-BISPHOSPHATASE 3'
2 non-polymer 'PHOSPHATE ION'
3 non-polymer 'PHOSPHONIC ACID'
4 non-polymer 6-O-phosphono-beta-D-fructofuranose
5 non-polymer 5-(4-bromophenyl)-7-phenyl-3,7-dihydro-4H-pyrrolo[2,3-d]pyrimidin-4-one
6 water water
#
_entity_poly.entity_id   1
_entity_poly.type   'polypeptide(L)'
_entity_poly.pdbx_seq_one_letter_code
;MPLELTQSRVQKIWVPVDHRPSLPRSCGPKLTNSPTVIVMVGLPARGKTYISKKLTRYLNWIGVPTKVFNVGEYRREAVK
QYSSYNFFRPDNEEAMKVRKQCALAALRDVKSYLAKEGGQIAVFDATNTTRERRHMILHFAKENDFKAFFIESVCDDPTV
VASNIMEVKISSPDYKDCNSAEAMDDFMKRISCYEASYQPLDPDKCDRDLSLIKVIDVGRRFLVNRVQDHIQSRIVYYLM
NIHVQPRTIYLCRHGENEHNLQGRIGGDSGLSSRGKKFASALSKFVEEQNLKDLRVWTSQLKSTIQTAEALRLPYEQWKA
LNEIDAGVCEELTYEEIRDTYPEEYALREQDKYYYRYPTGESYQDLVQRLEPVIMELERQENVLVICHQAVLRCLLAYFL
DKSAEEMPYLKCPLHTVLKLTPVAYGCRVESIYLNVESVCTHRERSEDA
;
_entity_poly.pdbx_strand_id   A
#
loop_
_chem_comp.id
_chem_comp.type
_chem_comp.name
_chem_comp.formula
BKI non-polymer 5-(4-bromophenyl)-7-phenyl-3,7-dihydro-4H-pyrrolo[2,3-d]pyrimidin-4-one 'C18 H12 Br N3 O'
F6P D-saccharide, beta linking 6-O-phosphono-beta-D-fructofuranose 'C6 H13 O9 P'
PHS non-polymer 'PHOSPHONIC ACID' 'H3 O3 P'
PO4 non-polymer 'PHOSPHATE ION' 'O4 P -3'
#
# COMPACT_ATOMS: atom_id res chain seq x y z
N PRO A 2 -44.14 -3.76 4.20
CA PRO A 2 -42.93 -4.57 3.95
C PRO A 2 -41.84 -3.80 3.22
N LEU A 3 -40.62 -4.37 3.20
CA LEU A 3 -39.39 -3.85 2.57
C LEU A 3 -38.98 -2.44 3.08
N GLU A 4 -39.18 -2.17 4.41
CA GLU A 4 -38.84 -0.89 5.03
C GLU A 4 -37.34 -0.75 5.26
N LEU A 5 -36.75 0.29 4.66
CA LEU A 5 -35.32 0.56 4.78
C LEU A 5 -35.07 1.93 5.36
N THR A 6 -33.89 2.11 5.95
CA THR A 6 -33.43 3.39 6.48
C THR A 6 -32.02 3.67 5.95
N GLN A 7 -31.72 4.95 5.71
CA GLN A 7 -30.41 5.33 5.20
C GLN A 7 -29.48 5.68 6.38
N SER A 8 -28.37 4.92 6.54
CA SER A 8 -27.38 5.17 7.60
C SER A 8 -26.81 6.59 7.45
N ARG A 9 -26.83 7.39 8.53
CA ARG A 9 -26.43 8.79 8.55
C ARG A 9 -25.02 9.10 8.05
N VAL A 10 -24.03 8.25 8.39
CA VAL A 10 -22.64 8.51 8.01
C VAL A 10 -22.37 8.09 6.55
N GLN A 11 -22.44 6.77 6.27
CA GLN A 11 -22.12 6.18 4.98
C GLN A 11 -23.24 6.30 3.94
N LYS A 12 -24.46 6.68 4.35
CA LYS A 12 -25.62 6.83 3.46
C LYS A 12 -26.06 5.51 2.81
N ILE A 13 -25.87 4.38 3.53
CA ILE A 13 -26.22 3.02 3.06
C ILE A 13 -27.64 2.66 3.47
N TRP A 14 -28.46 2.18 2.52
CA TRP A 14 -29.82 1.76 2.81
C TRP A 14 -29.77 0.38 3.46
N VAL A 15 -30.29 0.31 4.68
CA VAL A 15 -30.29 -0.93 5.48
C VAL A 15 -31.72 -1.26 5.90
N PRO A 16 -32.08 -2.55 6.14
CA PRO A 16 -33.44 -2.84 6.60
C PRO A 16 -33.65 -2.18 7.96
N VAL A 17 -34.83 -1.53 8.15
CA VAL A 17 -35.18 -0.87 9.41
C VAL A 17 -35.06 -1.97 10.46
N ASP A 18 -34.14 -1.79 11.40
CA ASP A 18 -33.91 -2.83 12.37
C ASP A 18 -34.63 -2.54 13.67
N HIS A 19 -35.85 -3.08 13.75
CA HIS A 19 -36.70 -3.02 14.91
C HIS A 19 -36.32 -4.26 15.66
N ARG A 20 -35.24 -4.16 16.43
CA ARG A 20 -34.71 -5.27 17.21
C ARG A 20 -35.79 -5.69 18.21
N PRO A 21 -35.95 -7.01 18.49
CA PRO A 21 -36.96 -7.43 19.47
C PRO A 21 -36.55 -7.00 20.90
N SER A 22 -37.40 -7.30 21.90
CA SER A 22 -37.19 -6.98 23.31
C SER A 22 -35.76 -7.30 23.78
N LEU A 23 -35.23 -8.46 23.36
CA LEU A 23 -33.89 -8.96 23.65
C LEU A 23 -33.06 -8.93 22.35
N PRO A 24 -32.39 -7.79 22.02
CA PRO A 24 -31.61 -7.74 20.76
C PRO A 24 -30.45 -8.73 20.75
N ARG A 25 -30.34 -9.49 19.65
CA ARG A 25 -29.30 -10.50 19.47
C ARG A 25 -28.38 -10.12 18.31
N SER A 26 -27.07 -10.22 18.52
CA SER A 26 -26.07 -9.97 17.49
C SER A 26 -25.54 -11.32 17.05
N CYS A 27 -25.31 -11.53 15.74
CA CYS A 27 -24.73 -12.76 15.20
C CYS A 27 -23.21 -12.52 15.03
N GLY A 28 -22.57 -12.14 16.12
CA GLY A 28 -21.15 -11.80 16.19
C GLY A 28 -20.17 -12.88 15.78
N PRO A 29 -19.10 -12.53 15.01
CA PRO A 29 -18.76 -11.19 14.49
C PRO A 29 -19.36 -10.87 13.13
N ASN A 33 -15.86 -14.10 4.58
CA ASN A 33 -15.26 -15.29 4.00
C ASN A 33 -13.89 -15.64 4.61
N SER A 34 -13.52 -16.95 4.54
CA SER A 34 -12.30 -17.55 5.10
C SER A 34 -11.01 -16.70 4.96
N PRO A 35 -10.26 -16.51 6.08
CA PRO A 35 -9.01 -15.73 6.01
C PRO A 35 -7.92 -16.46 5.23
N THR A 36 -6.90 -15.72 4.80
CA THR A 36 -5.80 -16.30 4.03
C THR A 36 -4.45 -16.10 4.68
N VAL A 37 -3.66 -17.18 4.67
CA VAL A 37 -2.26 -17.15 5.09
C VAL A 37 -1.47 -17.14 3.79
N ILE A 38 -0.78 -16.02 3.54
CA ILE A 38 0.12 -15.89 2.40
C ILE A 38 1.49 -16.39 2.89
N VAL A 39 2.00 -17.46 2.27
CA VAL A 39 3.28 -18.07 2.66
C VAL A 39 4.42 -17.61 1.73
N MET A 40 5.37 -16.83 2.26
CA MET A 40 6.52 -16.41 1.46
C MET A 40 7.50 -17.58 1.36
N VAL A 41 8.06 -17.82 0.16
CA VAL A 41 8.97 -18.96 -0.08
C VAL A 41 10.22 -18.45 -0.82
N GLY A 42 11.39 -18.91 -0.40
CA GLY A 42 12.63 -18.56 -1.06
C GLY A 42 13.84 -18.36 -0.17
N LEU A 43 15.02 -18.39 -0.79
CA LEU A 43 16.30 -18.16 -0.12
C LEU A 43 16.39 -16.72 0.40
N PRO A 44 17.28 -16.38 1.37
CA PRO A 44 17.39 -14.97 1.80
C PRO A 44 17.85 -14.08 0.65
N ALA A 45 17.58 -12.75 0.76
CA ALA A 45 17.91 -11.72 -0.25
C ALA A 45 17.21 -11.94 -1.59
N ARG A 46 15.96 -12.46 -1.53
CA ARG A 46 15.14 -12.70 -2.71
C ARG A 46 13.94 -11.75 -2.77
N GLY A 47 13.96 -10.72 -1.93
CA GLY A 47 12.90 -9.72 -1.92
C GLY A 47 11.58 -10.16 -1.31
N LYS A 48 11.59 -11.23 -0.48
CA LYS A 48 10.38 -11.73 0.20
C LYS A 48 9.78 -10.67 1.13
N THR A 49 10.63 -9.96 1.92
CA THR A 49 10.21 -8.89 2.84
C THR A 49 9.71 -7.69 2.04
N TYR A 50 10.36 -7.41 0.90
CA TYR A 50 9.95 -6.35 -0.01
C TYR A 50 8.54 -6.63 -0.51
N ILE A 51 8.30 -7.87 -1.01
CA ILE A 51 6.99 -8.32 -1.50
C ILE A 51 5.95 -8.25 -0.37
N SER A 52 6.29 -8.83 0.81
CA SER A 52 5.44 -8.86 2.00
C SER A 52 4.91 -7.47 2.35
N LYS A 53 5.82 -6.49 2.50
CA LYS A 53 5.54 -5.13 2.91
C LYS A 53 4.72 -4.37 1.88
N LYS A 54 5.11 -4.45 0.60
CA LYS A 54 4.43 -3.77 -0.50
C LYS A 54 2.99 -4.27 -0.71
N LEU A 55 2.81 -5.60 -0.74
CA LEU A 55 1.53 -6.28 -0.89
C LEU A 55 0.59 -5.93 0.27
N THR A 56 1.12 -5.88 1.51
CA THR A 56 0.38 -5.55 2.74
C THR A 56 -0.10 -4.10 2.67
N ARG A 57 0.76 -3.19 2.17
CA ARG A 57 0.51 -1.76 1.98
C ARG A 57 -0.66 -1.55 1.00
N TYR A 58 -0.65 -2.30 -0.10
CA TYR A 58 -1.69 -2.25 -1.13
C TYR A 58 -3.00 -2.84 -0.64
N LEU A 59 -2.96 -4.04 0.00
CA LEU A 59 -4.15 -4.72 0.53
C LEU A 59 -4.85 -3.92 1.61
N ASN A 60 -4.07 -3.31 2.52
CA ASN A 60 -4.65 -2.47 3.57
C ASN A 60 -5.32 -1.24 2.99
N TRP A 61 -4.66 -0.57 2.01
CA TRP A 61 -5.15 0.62 1.32
C TRP A 61 -6.48 0.37 0.59
N ILE A 62 -6.63 -0.80 -0.05
CA ILE A 62 -7.89 -1.16 -0.74
C ILE A 62 -8.97 -1.63 0.25
N GLY A 63 -8.64 -1.75 1.54
CA GLY A 63 -9.57 -2.12 2.59
C GLY A 63 -9.59 -3.56 3.06
N VAL A 64 -8.53 -4.32 2.79
CA VAL A 64 -8.44 -5.72 3.22
C VAL A 64 -7.45 -5.74 4.41
N PRO A 65 -7.92 -5.92 5.68
CA PRO A 65 -6.96 -5.91 6.81
C PRO A 65 -5.88 -6.96 6.67
N THR A 66 -4.63 -6.50 6.53
CA THR A 66 -3.46 -7.35 6.30
C THR A 66 -2.33 -7.05 7.26
N LYS A 67 -1.60 -8.10 7.70
CA LYS A 67 -0.46 -7.95 8.58
C LYS A 67 0.64 -8.92 8.21
N VAL A 68 1.90 -8.46 8.32
CA VAL A 68 3.11 -9.27 8.09
C VAL A 68 3.61 -9.84 9.42
N PHE A 69 3.97 -11.13 9.40
CA PHE A 69 4.54 -11.87 10.51
C PHE A 69 5.91 -12.34 10.03
N ASN A 70 6.96 -11.57 10.36
CA ASN A 70 8.34 -11.86 9.96
C ASN A 70 9.03 -12.65 11.06
N VAL A 71 9.39 -13.91 10.76
CA VAL A 71 10.01 -14.85 11.69
C VAL A 71 11.37 -14.33 12.25
N GLY A 72 12.11 -13.57 11.43
CA GLY A 72 13.39 -12.97 11.83
C GLY A 72 13.26 -11.95 12.95
N GLU A 73 12.11 -11.26 13.02
CA GLU A 73 11.83 -10.27 14.07
C GLU A 73 11.52 -10.94 15.41
N TYR A 74 10.91 -12.15 15.35
CA TYR A 74 10.61 -12.99 16.51
C TYR A 74 11.93 -13.54 17.05
N ARG A 75 12.88 -13.81 16.14
CA ARG A 75 14.23 -14.28 16.44
C ARG A 75 15.07 -13.18 17.11
N ARG A 76 15.02 -11.93 16.57
CA ARG A 76 15.73 -10.79 17.13
C ARG A 76 15.24 -10.45 18.54
N GLU A 77 13.98 -10.81 18.84
CA GLU A 77 13.31 -10.61 20.11
C GLU A 77 13.72 -11.70 21.11
N ALA A 78 13.84 -12.96 20.64
CA ALA A 78 14.22 -14.11 21.47
C ALA A 78 15.73 -14.16 21.74
N VAL A 79 16.53 -13.79 20.74
CA VAL A 79 17.99 -13.78 20.80
C VAL A 79 18.48 -12.32 20.77
N LYS A 80 18.95 -11.88 21.96
CA LYS A 80 19.51 -10.56 22.33
C LYS A 80 20.42 -9.93 21.25
N GLN A 81 21.63 -10.48 21.02
CA GLN A 81 22.54 -9.93 20.01
C GLN A 81 22.81 -10.95 18.90
N TYR A 82 22.90 -10.49 17.63
CA TYR A 82 23.25 -11.36 16.49
C TYR A 82 24.76 -11.35 16.31
N SER A 83 25.41 -12.53 16.28
CA SER A 83 26.85 -12.60 16.13
C SER A 83 27.31 -12.90 14.71
N SER A 84 26.83 -14.01 14.10
CA SER A 84 27.23 -14.42 12.75
C SER A 84 26.29 -15.47 12.10
N TYR A 85 26.61 -15.88 10.84
CA TYR A 85 25.93 -16.88 10.01
C TYR A 85 25.91 -18.26 10.72
N ASN A 86 26.82 -18.46 11.70
CA ASN A 86 26.94 -19.67 12.52
C ASN A 86 25.62 -20.00 13.23
N PHE A 87 24.78 -18.98 13.50
CA PHE A 87 23.45 -19.11 14.10
C PHE A 87 22.51 -19.85 13.13
N PHE A 88 22.75 -19.66 11.83
CA PHE A 88 21.92 -20.27 10.79
C PHE A 88 22.43 -21.62 10.28
N ARG A 89 23.55 -22.12 10.83
CA ARG A 89 24.10 -23.41 10.42
C ARG A 89 23.10 -24.55 10.60
N PRO A 90 22.99 -25.48 9.61
CA PRO A 90 22.09 -26.63 9.79
C PRO A 90 22.51 -27.57 10.94
N ASP A 91 23.80 -27.53 11.34
CA ASP A 91 24.30 -28.36 12.46
C ASP A 91 24.17 -27.66 13.83
N ASN A 92 23.63 -26.41 13.85
CA ASN A 92 23.40 -25.65 15.06
C ASN A 92 22.09 -26.11 15.71
N GLU A 93 22.14 -27.24 16.44
CA GLU A 93 21.00 -27.85 17.11
C GLU A 93 20.15 -26.87 17.93
N GLU A 94 20.80 -26.06 18.82
CA GLU A 94 20.14 -25.08 19.68
C GLU A 94 19.43 -23.97 18.89
N ALA A 95 20.12 -23.31 17.95
CA ALA A 95 19.52 -22.25 17.15
C ALA A 95 18.40 -22.77 16.27
N MET A 96 18.50 -24.04 15.78
CA MET A 96 17.46 -24.68 14.95
C MET A 96 16.16 -24.84 15.76
N LYS A 97 16.29 -25.15 17.07
CA LYS A 97 15.16 -25.30 18.00
C LYS A 97 14.54 -23.90 18.21
N VAL A 98 15.38 -22.88 18.47
CA VAL A 98 14.98 -21.47 18.66
C VAL A 98 14.22 -20.96 17.44
N ARG A 99 14.79 -21.17 16.24
CA ARG A 99 14.20 -20.74 14.97
C ARG A 99 12.82 -21.38 14.72
N LYS A 100 12.68 -22.68 15.06
CA LYS A 100 11.40 -23.39 14.94
C LYS A 100 10.37 -22.78 15.91
N GLN A 101 10.77 -22.54 17.18
CA GLN A 101 9.95 -21.94 18.23
C GLN A 101 9.44 -20.56 17.78
N CYS A 102 10.32 -19.75 17.16
CA CYS A 102 10.02 -18.42 16.61
C CYS A 102 8.97 -18.49 15.52
N ALA A 103 9.09 -19.49 14.60
CA ALA A 103 8.15 -19.71 13.50
C ALA A 103 6.79 -20.12 14.08
N LEU A 104 6.78 -21.02 15.08
CA LEU A 104 5.55 -21.47 15.75
C LEU A 104 4.88 -20.35 16.54
N ALA A 105 5.67 -19.45 17.15
CA ALA A 105 5.18 -18.29 17.90
C ALA A 105 4.55 -17.29 16.91
N ALA A 106 5.14 -17.14 15.70
CA ALA A 106 4.59 -16.27 14.65
C ALA A 106 3.27 -16.84 14.16
N LEU A 107 3.18 -18.17 13.95
CA LEU A 107 1.95 -18.85 13.53
C LEU A 107 0.84 -18.70 14.58
N ARG A 108 1.21 -18.76 15.88
CA ARG A 108 0.29 -18.58 17.01
CA ARG A 108 0.27 -18.58 16.98
C ARG A 108 -0.35 -17.18 16.87
N ASP A 109 0.49 -16.16 16.58
CA ASP A 109 0.06 -14.78 16.37
C ASP A 109 -0.74 -14.62 15.06
N VAL A 110 -0.50 -15.51 14.06
CA VAL A 110 -1.25 -15.55 12.81
C VAL A 110 -2.69 -15.99 13.12
N LYS A 111 -2.84 -17.07 13.94
CA LYS A 111 -4.13 -17.62 14.36
C LYS A 111 -4.94 -16.57 15.12
N SER A 112 -4.30 -15.88 16.07
CA SER A 112 -4.90 -14.82 16.87
C SER A 112 -5.33 -13.63 15.99
N TYR A 113 -4.52 -13.27 14.98
CA TYR A 113 -4.83 -12.15 14.09
C TYR A 113 -6.05 -12.44 13.22
N LEU A 114 -6.08 -13.60 12.57
CA LEU A 114 -7.14 -14.00 11.65
C LEU A 114 -8.43 -14.47 12.31
N ALA A 115 -8.34 -15.20 13.42
CA ALA A 115 -9.53 -15.72 14.09
C ALA A 115 -10.09 -14.84 15.20
N LYS A 116 -9.25 -13.98 15.80
CA LYS A 116 -9.67 -13.17 16.94
C LYS A 116 -9.53 -11.64 16.80
N GLU A 117 -8.83 -11.14 15.77
CA GLU A 117 -8.62 -9.70 15.65
C GLU A 117 -9.24 -9.04 14.43
N GLY A 118 -10.02 -9.80 13.66
CA GLY A 118 -10.65 -9.28 12.45
C GLY A 118 -9.73 -9.06 11.28
N GLY A 119 -8.58 -9.73 11.28
CA GLY A 119 -7.63 -9.67 10.19
C GLY A 119 -8.09 -10.59 9.07
N GLN A 120 -7.87 -10.18 7.81
CA GLN A 120 -8.30 -11.01 6.69
C GLN A 120 -7.15 -11.76 6.05
N ILE A 121 -5.96 -11.13 5.98
CA ILE A 121 -4.77 -11.71 5.37
C ILE A 121 -3.57 -11.63 6.31
N ALA A 122 -2.87 -12.75 6.49
CA ALA A 122 -1.65 -12.81 7.29
C ALA A 122 -0.54 -13.20 6.34
N VAL A 123 0.49 -12.35 6.21
CA VAL A 123 1.61 -12.65 5.34
C VAL A 123 2.71 -13.25 6.23
N PHE A 124 2.95 -14.56 6.08
CA PHE A 124 3.96 -15.33 6.80
C PHE A 124 5.30 -15.21 6.07
N ASP A 125 6.10 -14.21 6.52
CA ASP A 125 7.38 -13.84 5.93
C ASP A 125 8.56 -14.58 6.55
N ALA A 126 8.92 -15.70 5.91
CA ALA A 126 10.03 -16.55 6.28
C ALA A 126 10.55 -17.23 5.02
N THR A 127 11.64 -17.99 5.15
CA THR A 127 12.24 -18.71 4.02
C THR A 127 11.31 -19.81 3.53
N ASN A 128 10.74 -20.63 4.46
CA ASN A 128 9.80 -21.73 4.17
C ASN A 128 10.26 -22.53 2.92
N THR A 129 11.58 -22.79 2.89
CA THR A 129 12.34 -23.40 1.81
C THR A 129 12.21 -24.93 1.75
N THR A 130 11.80 -25.57 2.85
CA THR A 130 11.65 -27.02 2.91
C THR A 130 10.18 -27.41 2.80
N ARG A 131 9.91 -28.58 2.19
CA ARG A 131 8.57 -29.15 2.06
C ARG A 131 7.99 -29.42 3.45
N GLU A 132 8.84 -29.89 4.40
CA GLU A 132 8.49 -30.16 5.79
C GLU A 132 7.87 -28.91 6.45
N ARG A 133 8.58 -27.76 6.38
CA ARG A 133 8.06 -26.51 6.95
C ARG A 133 6.72 -26.12 6.31
N ARG A 134 6.62 -26.23 4.98
CA ARG A 134 5.41 -25.89 4.23
C ARG A 134 4.26 -26.82 4.54
N HIS A 135 4.54 -28.12 4.81
CA HIS A 135 3.52 -29.11 5.16
C HIS A 135 2.93 -28.79 6.51
N MET A 136 3.78 -28.31 7.42
CA MET A 136 3.43 -27.88 8.77
C MET A 136 2.54 -26.63 8.69
N ILE A 137 2.87 -25.67 7.78
CA ILE A 137 2.07 -24.45 7.59
C ILE A 137 0.69 -24.80 7.02
N LEU A 138 0.67 -25.75 6.06
CA LEU A 138 -0.56 -26.25 5.44
C LEU A 138 -1.44 -26.93 6.49
N HIS A 139 -0.85 -27.76 7.38
CA HIS A 139 -1.57 -28.42 8.46
C HIS A 139 -2.22 -27.37 9.37
N PHE A 140 -1.45 -26.34 9.75
CA PHE A 140 -1.89 -25.20 10.55
C PHE A 140 -3.07 -24.47 9.88
N ALA A 141 -2.98 -24.27 8.55
CA ALA A 141 -4.04 -23.60 7.78
C ALA A 141 -5.31 -24.46 7.72
N LYS A 142 -5.19 -25.76 7.36
CA LYS A 142 -6.32 -26.70 7.28
C LYS A 142 -7.04 -26.83 8.63
N GLU A 143 -6.30 -27.02 9.74
CA GLU A 143 -6.90 -27.16 11.07
C GLU A 143 -7.63 -25.89 11.56
N ASN A 144 -7.20 -24.70 11.09
CA ASN A 144 -7.79 -23.40 11.47
C ASN A 144 -8.78 -22.84 10.45
N ASP A 145 -9.05 -23.62 9.37
CA ASP A 145 -9.93 -23.25 8.25
C ASP A 145 -9.45 -21.97 7.54
N PHE A 146 -8.12 -21.84 7.39
CA PHE A 146 -7.50 -20.72 6.70
C PHE A 146 -7.09 -21.20 5.33
N LYS A 147 -7.16 -20.31 4.35
CA LYS A 147 -6.69 -20.62 3.01
C LYS A 147 -5.18 -20.40 3.01
N ALA A 148 -4.47 -21.13 2.16
CA ALA A 148 -3.02 -20.98 2.02
C ALA A 148 -2.71 -20.62 0.57
N PHE A 149 -1.93 -19.54 0.38
CA PHE A 149 -1.49 -19.06 -0.92
C PHE A 149 0.02 -18.84 -0.84
N PHE A 150 0.79 -19.52 -1.69
CA PHE A 150 2.25 -19.42 -1.66
C PHE A 150 2.80 -18.44 -2.68
N ILE A 151 3.75 -17.61 -2.24
CA ILE A 151 4.44 -16.66 -3.10
C ILE A 151 5.93 -16.96 -3.00
N GLU A 152 6.48 -17.54 -4.06
CA GLU A 152 7.89 -17.88 -4.10
C GLU A 152 8.65 -16.91 -4.98
N SER A 153 9.79 -16.42 -4.48
CA SER A 153 10.65 -15.54 -5.25
C SER A 153 11.92 -16.30 -5.57
N VAL A 154 12.13 -16.57 -6.88
CA VAL A 154 13.28 -17.32 -7.41
C VAL A 154 14.15 -16.36 -8.22
N CYS A 155 15.44 -16.24 -7.85
CA CYS A 155 16.42 -15.42 -8.56
C CYS A 155 17.81 -15.91 -8.32
N ASP A 156 18.55 -16.27 -9.37
CA ASP A 156 19.92 -16.73 -9.18
C ASP A 156 20.95 -15.74 -9.73
N ASP A 157 20.51 -14.52 -10.08
CA ASP A 157 21.38 -13.43 -10.56
C ASP A 157 22.23 -12.88 -9.39
N PRO A 158 23.59 -13.03 -9.42
CA PRO A 158 24.40 -12.53 -8.29
C PRO A 158 24.41 -11.02 -8.11
N THR A 159 24.12 -10.25 -9.19
CA THR A 159 24.04 -8.80 -9.20
C THR A 159 22.84 -8.35 -8.35
N VAL A 160 21.69 -9.04 -8.54
CA VAL A 160 20.43 -8.79 -7.83
C VAL A 160 20.59 -9.11 -6.33
N VAL A 161 21.23 -10.24 -6.02
CA VAL A 161 21.49 -10.70 -4.64
C VAL A 161 22.38 -9.69 -3.92
N ALA A 162 23.52 -9.30 -4.54
CA ALA A 162 24.48 -8.32 -4.01
C ALA A 162 23.83 -6.95 -3.77
N SER A 163 22.97 -6.50 -4.71
CA SER A 163 22.23 -5.23 -4.65
C SER A 163 21.28 -5.20 -3.44
N ASN A 164 20.54 -6.32 -3.22
CA ASN A 164 19.61 -6.48 -2.10
C ASN A 164 20.36 -6.41 -0.76
N ILE A 165 21.54 -7.06 -0.68
CA ILE A 165 22.36 -7.08 0.53
C ILE A 165 22.84 -5.64 0.85
N MET A 166 23.30 -4.92 -0.18
CA MET A 166 23.76 -3.53 -0.09
C MET A 166 22.66 -2.52 0.22
N GLU A 167 21.46 -2.70 -0.38
CA GLU A 167 20.35 -1.79 -0.18
C GLU A 167 19.66 -1.92 1.17
N VAL A 168 19.33 -3.15 1.59
CA VAL A 168 18.55 -3.29 2.82
C VAL A 168 19.09 -4.32 3.85
N LYS A 169 20.03 -5.22 3.47
CA LYS A 169 20.53 -6.20 4.44
C LYS A 169 21.64 -5.67 5.34
N ILE A 170 22.68 -5.01 4.78
CA ILE A 170 23.82 -4.46 5.56
C ILE A 170 23.35 -3.45 6.62
N SER A 171 22.22 -2.75 6.35
CA SER A 171 21.61 -1.75 7.24
C SER A 171 20.65 -2.38 8.28
N SER A 172 20.54 -3.73 8.29
CA SER A 172 19.69 -4.50 9.21
C SER A 172 20.19 -4.37 10.66
N PRO A 173 19.30 -4.41 11.70
CA PRO A 173 19.78 -4.31 13.09
C PRO A 173 20.79 -5.39 13.51
N ASP A 174 20.84 -6.51 12.75
CA ASP A 174 21.76 -7.63 12.92
C ASP A 174 23.21 -7.23 12.65
N TYR A 175 23.41 -6.27 11.73
CA TYR A 175 24.73 -5.82 11.28
C TYR A 175 25.13 -4.41 11.77
N LYS A 176 24.59 -3.99 12.95
CA LYS A 176 24.83 -2.69 13.58
C LYS A 176 26.31 -2.43 13.88
N ASP A 177 27.01 -3.43 14.43
CA ASP A 177 28.44 -3.33 14.79
C ASP A 177 29.38 -3.75 13.64
N CYS A 178 28.83 -4.08 12.46
CA CYS A 178 29.60 -4.51 11.29
C CYS A 178 29.75 -3.42 10.23
N ASN A 179 30.86 -3.47 9.45
CA ASN A 179 31.04 -2.58 8.31
C ASN A 179 30.47 -3.28 7.08
N SER A 180 30.19 -2.53 6.00
CA SER A 180 29.59 -3.04 4.76
C SER A 180 30.19 -4.35 4.22
N ALA A 181 31.53 -4.49 4.24
CA ALA A 181 32.23 -5.68 3.74
C ALA A 181 32.02 -6.94 4.60
N GLU A 182 32.05 -6.79 5.93
CA GLU A 182 31.87 -7.87 6.90
C GLU A 182 30.44 -8.41 6.80
N ALA A 183 29.45 -7.49 6.85
CA ALA A 183 28.02 -7.77 6.75
C ALA A 183 27.66 -8.49 5.45
N MET A 184 28.22 -8.03 4.29
CA MET A 184 28.01 -8.66 2.97
C MET A 184 28.55 -10.09 2.97
N ASP A 185 29.78 -10.29 3.48
CA ASP A 185 30.44 -11.60 3.56
C ASP A 185 29.66 -12.58 4.46
N ASP A 186 29.23 -12.10 5.66
CA ASP A 186 28.44 -12.90 6.61
C ASP A 186 27.10 -13.31 6.00
N PHE A 187 26.45 -12.37 5.27
CA PHE A 187 25.15 -12.62 4.65
C PHE A 187 25.24 -13.66 3.52
N MET A 188 26.35 -13.67 2.76
CA MET A 188 26.55 -14.65 1.68
C MET A 188 26.66 -16.06 2.28
N LYS A 189 27.37 -16.19 3.42
CA LYS A 189 27.55 -17.43 4.16
C LYS A 189 26.20 -17.87 4.75
N ARG A 190 25.40 -16.91 5.24
CA ARG A 190 24.06 -17.10 5.80
C ARG A 190 23.11 -17.70 4.73
N ILE A 191 23.19 -17.21 3.46
CA ILE A 191 22.39 -17.70 2.33
C ILE A 191 22.78 -19.18 2.05
N SER A 192 24.09 -19.48 2.06
CA SER A 192 24.64 -20.82 1.82
C SER A 192 24.10 -21.88 2.80
N CYS A 193 23.78 -21.47 4.06
CA CYS A 193 23.22 -22.34 5.11
C CYS A 193 21.86 -22.92 4.69
N TYR A 194 21.11 -22.18 3.84
CA TYR A 194 19.79 -22.57 3.37
C TYR A 194 19.75 -23.34 2.04
N GLU A 195 20.82 -23.23 1.24
CA GLU A 195 20.88 -23.80 -0.13
C GLU A 195 20.75 -25.34 -0.20
N ALA A 196 21.36 -26.09 0.72
CA ALA A 196 21.30 -27.56 0.72
C ALA A 196 19.89 -28.13 0.92
N SER A 197 19.12 -27.60 1.88
CA SER A 197 17.77 -28.09 2.19
C SER A 197 16.66 -27.44 1.37
N TYR A 198 17.00 -26.42 0.54
CA TYR A 198 16.02 -25.72 -0.29
C TYR A 198 15.38 -26.61 -1.37
N GLN A 199 14.06 -26.77 -1.27
CA GLN A 199 13.20 -27.51 -2.19
C GLN A 199 12.25 -26.49 -2.79
N PRO A 200 12.53 -25.98 -4.02
CA PRO A 200 11.62 -24.99 -4.64
C PRO A 200 10.21 -25.55 -4.82
N LEU A 201 9.21 -24.67 -5.04
CA LEU A 201 7.84 -25.13 -5.26
C LEU A 201 7.82 -25.90 -6.58
N ASP A 202 7.13 -27.04 -6.60
CA ASP A 202 7.02 -27.86 -7.79
C ASP A 202 5.55 -27.99 -8.20
N PRO A 203 4.95 -27.00 -8.92
CA PRO A 203 3.53 -27.14 -9.30
C PRO A 203 3.25 -28.27 -10.29
N ASP A 204 4.30 -28.82 -10.92
CA ASP A 204 4.21 -29.90 -11.88
C ASP A 204 3.86 -31.23 -11.23
N LYS A 205 4.57 -31.61 -10.15
CA LYS A 205 4.27 -32.87 -9.48
C LYS A 205 3.85 -32.71 -8.03
N CYS A 206 4.79 -32.34 -7.14
CA CYS A 206 4.57 -32.27 -5.69
C CYS A 206 3.57 -31.20 -5.21
N ASP A 207 3.70 -29.97 -5.69
CA ASP A 207 2.84 -28.86 -5.25
C ASP A 207 1.71 -28.54 -6.23
N ARG A 208 1.28 -29.55 -7.02
CA ARG A 208 0.21 -29.44 -8.03
C ARG A 208 -1.12 -28.92 -7.49
N ASP A 209 -1.48 -29.30 -6.26
CA ASP A 209 -2.74 -28.90 -5.64
C ASP A 209 -2.63 -27.60 -4.83
N LEU A 210 -1.43 -27.03 -4.72
CA LEU A 210 -1.24 -25.79 -3.98
C LEU A 210 -1.54 -24.56 -4.83
N SER A 211 -2.09 -23.52 -4.19
CA SER A 211 -2.38 -22.22 -4.81
C SER A 211 -1.10 -21.43 -4.67
N LEU A 212 -0.46 -21.13 -5.79
CA LEU A 212 0.83 -20.47 -5.74
C LEU A 212 1.16 -19.58 -6.91
N ILE A 213 2.13 -18.71 -6.68
CA ILE A 213 2.77 -17.85 -7.66
C ILE A 213 4.28 -17.96 -7.45
N LYS A 214 4.99 -18.22 -8.54
CA LYS A 214 6.45 -18.25 -8.60
C LYS A 214 6.83 -16.99 -9.35
N VAL A 215 7.48 -16.05 -8.66
CA VAL A 215 8.01 -14.80 -9.21
C VAL A 215 9.44 -15.17 -9.60
N ILE A 216 9.73 -15.22 -10.90
CA ILE A 216 11.04 -15.61 -11.41
C ILE A 216 11.78 -14.39 -11.97
N ASP A 217 13.07 -14.24 -11.62
CA ASP A 217 14.00 -13.21 -12.08
C ASP A 217 13.46 -11.78 -11.96
N VAL A 218 13.05 -11.42 -10.74
CA VAL A 218 12.53 -10.11 -10.35
C VAL A 218 11.30 -9.71 -11.24
N GLY A 219 10.37 -10.64 -11.40
CA GLY A 219 9.13 -10.41 -12.13
C GLY A 219 9.19 -10.42 -13.65
N ARG A 220 10.23 -11.06 -14.22
CA ARG A 220 10.39 -11.21 -15.66
C ARG A 220 9.43 -12.32 -16.14
N ARG A 221 9.21 -13.34 -15.29
CA ARG A 221 8.41 -14.52 -15.59
C ARG A 221 7.63 -14.95 -14.35
N PHE A 222 6.46 -15.60 -14.57
CA PHE A 222 5.61 -16.07 -13.48
C PHE A 222 5.02 -17.44 -13.75
N LEU A 223 4.97 -18.26 -12.71
CA LEU A 223 4.29 -19.55 -12.77
C LEU A 223 3.12 -19.40 -11.77
N VAL A 224 1.89 -19.46 -12.30
CA VAL A 224 0.68 -19.29 -11.50
C VAL A 224 -0.09 -20.59 -11.47
N ASN A 225 -0.34 -21.11 -10.26
CA ASN A 225 -1.06 -22.37 -10.12
C ASN A 225 -2.24 -22.27 -9.17
N ARG A 226 -3.40 -22.77 -9.64
CA ARG A 226 -4.67 -22.88 -8.92
C ARG A 226 -5.11 -21.64 -8.14
N VAL A 227 -5.35 -20.50 -8.82
CA VAL A 227 -5.87 -19.31 -8.13
C VAL A 227 -7.34 -19.60 -7.77
N GLN A 228 -7.61 -19.74 -6.47
CA GLN A 228 -8.91 -20.10 -5.91
C GLN A 228 -9.94 -18.98 -5.87
N ASP A 229 -9.53 -17.76 -5.51
CA ASP A 229 -10.48 -16.68 -5.29
C ASP A 229 -10.08 -15.28 -5.82
N HIS A 230 -10.92 -14.27 -5.50
CA HIS A 230 -10.81 -12.87 -5.88
C HIS A 230 -9.53 -12.23 -5.37
N ILE A 231 -9.24 -12.39 -4.08
CA ILE A 231 -8.07 -11.78 -3.45
C ILE A 231 -6.73 -12.32 -4.02
N GLN A 232 -6.63 -13.64 -4.28
CA GLN A 232 -5.44 -14.26 -4.86
C GLN A 232 -5.23 -13.76 -6.28
N SER A 233 -6.34 -13.60 -7.01
CA SER A 233 -6.30 -13.10 -8.39
C SER A 233 -5.81 -11.65 -8.44
N ARG A 234 -6.23 -10.82 -7.45
CA ARG A 234 -5.83 -9.42 -7.30
C ARG A 234 -4.34 -9.31 -7.00
N ILE A 235 -3.84 -10.18 -6.07
CA ILE A 235 -2.42 -10.26 -5.64
C ILE A 235 -1.56 -10.56 -6.86
N VAL A 236 -1.98 -11.57 -7.65
CA VAL A 236 -1.27 -12.00 -8.84
C VAL A 236 -1.16 -10.85 -9.84
N TYR A 237 -2.28 -10.13 -10.06
CA TYR A 237 -2.33 -8.98 -10.96
C TYR A 237 -1.38 -7.87 -10.49
N TYR A 238 -1.39 -7.60 -9.17
CA TYR A 238 -0.52 -6.60 -8.55
C TYR A 238 0.97 -6.91 -8.75
N LEU A 239 1.37 -8.16 -8.44
CA LEU A 239 2.75 -8.65 -8.59
C LEU A 239 3.25 -8.56 -10.02
N MET A 240 2.33 -8.74 -10.98
CA MET A 240 2.64 -8.64 -12.39
C MET A 240 2.77 -7.20 -12.88
N ASN A 241 2.28 -6.21 -12.11
CA ASN A 241 2.30 -4.79 -12.50
C ASN A 241 3.39 -3.97 -11.85
N ILE A 242 3.81 -4.37 -10.64
CA ILE A 242 4.90 -3.69 -9.92
C ILE A 242 6.24 -4.04 -10.57
N HIS A 243 7.28 -3.22 -10.31
CA HIS A 243 8.65 -3.38 -10.80
C HIS A 243 9.62 -2.70 -9.82
N VAL A 244 10.92 -2.95 -9.97
CA VAL A 244 11.98 -2.36 -9.11
C VAL A 244 12.88 -1.40 -9.89
N GLN A 245 12.46 -1.00 -11.10
CA GLN A 245 13.20 -0.07 -11.93
C GLN A 245 13.25 1.31 -11.29
N PRO A 246 14.39 2.05 -11.37
CA PRO A 246 14.43 3.38 -10.73
C PRO A 246 13.54 4.37 -11.44
N ARG A 247 12.82 5.20 -10.66
CA ARG A 247 11.89 6.20 -11.16
C ARG A 247 11.44 7.19 -10.09
N THR A 248 10.71 8.24 -10.51
CA THR A 248 10.23 9.26 -9.58
C THR A 248 8.74 9.52 -9.82
N ILE A 249 7.98 9.66 -8.73
CA ILE A 249 6.57 10.01 -8.78
C ILE A 249 6.42 11.41 -8.20
N TYR A 250 5.93 12.34 -9.02
CA TYR A 250 5.69 13.71 -8.57
C TYR A 250 4.20 13.87 -8.44
N LEU A 251 3.75 14.35 -7.29
CA LEU A 251 2.33 14.56 -7.02
C LEU A 251 2.13 16.00 -6.62
N CYS A 252 1.10 16.64 -7.18
CA CYS A 252 0.76 18.02 -6.84
C CYS A 252 -0.70 18.26 -7.15
N ARG A 253 -1.23 19.35 -6.63
CA ARG A 253 -2.58 19.78 -6.90
C ARG A 253 -2.50 20.75 -8.08
N HIS A 254 -3.65 21.04 -8.67
CA HIS A 254 -3.78 22.07 -9.69
C HIS A 254 -3.34 23.40 -9.04
N GLY A 255 -2.98 24.41 -9.83
CA GLY A 255 -2.66 25.72 -9.28
C GLY A 255 -3.93 26.29 -8.67
N GLU A 256 -3.81 27.21 -7.69
CA GLU A 256 -4.94 27.84 -7.03
C GLU A 256 -6.08 28.22 -8.00
N ASN A 257 -7.32 27.88 -7.66
CA ASN A 257 -8.45 28.20 -8.53
C ASN A 257 -9.36 29.28 -7.94
N GLU A 258 -10.38 29.72 -8.69
CA GLU A 258 -11.30 30.76 -8.23
C GLU A 258 -12.13 30.33 -7.00
N HIS A 259 -12.52 29.04 -6.93
CA HIS A 259 -13.25 28.47 -5.80
C HIS A 259 -12.40 28.45 -4.54
N ASN A 260 -11.08 28.23 -4.70
CA ASN A 260 -10.14 28.26 -3.57
C ASN A 260 -10.18 29.63 -2.94
N LEU A 261 -10.16 30.71 -3.76
CA LEU A 261 -10.20 32.09 -3.28
C LEU A 261 -11.48 32.43 -2.50
N GLN A 262 -12.61 31.84 -2.90
CA GLN A 262 -13.93 32.04 -2.28
C GLN A 262 -14.20 31.06 -1.13
N GLY A 263 -13.28 30.11 -0.93
CA GLY A 263 -13.42 29.06 0.08
C GLY A 263 -14.53 28.07 -0.24
N ARG A 264 -14.82 27.87 -1.55
CA ARG A 264 -15.85 26.97 -2.06
C ARG A 264 -15.29 25.60 -2.40
N ILE A 265 -16.05 24.54 -2.09
CA ILE A 265 -15.65 23.16 -2.35
C ILE A 265 -16.20 22.67 -3.68
N GLY A 266 -15.52 21.70 -4.27
CA GLY A 266 -15.91 21.12 -5.55
C GLY A 266 -15.90 22.11 -6.70
N GLY A 267 -16.86 21.93 -7.60
CA GLY A 267 -17.02 22.76 -8.79
C GLY A 267 -15.99 22.46 -9.85
N ASP A 268 -15.97 23.28 -10.91
CA ASP A 268 -15.03 23.12 -12.02
C ASP A 268 -14.48 24.49 -12.42
N SER A 269 -14.04 25.27 -11.42
CA SER A 269 -13.51 26.61 -11.64
C SER A 269 -12.11 26.58 -12.27
N GLY A 270 -11.73 27.71 -12.88
CA GLY A 270 -10.43 27.88 -13.51
C GLY A 270 -9.39 28.47 -12.58
N LEU A 271 -8.12 28.45 -13.03
CA LEU A 271 -6.98 28.96 -12.29
C LEU A 271 -7.11 30.44 -12.02
N SER A 272 -6.72 30.85 -10.80
CA SER A 272 -6.63 32.25 -10.39
C SER A 272 -5.31 32.78 -10.98
N SER A 273 -5.00 34.08 -10.81
CA SER A 273 -3.74 34.64 -11.31
C SER A 273 -2.52 33.94 -10.68
N ARG A 274 -2.60 33.61 -9.37
CA ARG A 274 -1.56 32.89 -8.64
C ARG A 274 -1.43 31.45 -9.15
N GLY A 275 -2.57 30.80 -9.41
CA GLY A 275 -2.63 29.45 -9.95
C GLY A 275 -1.89 29.33 -11.27
N LYS A 276 -2.06 30.34 -12.14
CA LYS A 276 -1.39 30.45 -13.45
C LYS A 276 0.13 30.64 -13.25
N LYS A 277 0.52 31.41 -12.20
CA LYS A 277 1.92 31.63 -11.84
C LYS A 277 2.55 30.31 -11.38
N PHE A 278 1.80 29.49 -10.59
CA PHE A 278 2.27 28.17 -10.15
C PHE A 278 2.50 27.28 -11.35
N ALA A 279 1.55 27.27 -12.31
CA ALA A 279 1.60 26.46 -13.52
C ALA A 279 2.92 26.72 -14.27
N SER A 280 3.31 28.02 -14.43
CA SER A 280 4.58 28.42 -15.04
C SER A 280 5.76 27.96 -14.18
N ALA A 281 5.66 28.14 -12.85
CA ALA A 281 6.69 27.72 -11.91
C ALA A 281 6.90 26.19 -11.99
N LEU A 282 5.80 25.42 -12.14
CA LEU A 282 5.80 23.96 -12.28
C LEU A 282 6.54 23.53 -13.55
N SER A 283 6.33 24.25 -14.66
CA SER A 283 7.02 23.97 -15.92
C SER A 283 8.54 24.10 -15.75
N LYS A 284 8.99 25.19 -15.09
CA LYS A 284 10.39 25.45 -14.81
C LYS A 284 10.95 24.33 -13.92
N PHE A 285 10.20 23.96 -12.85
CA PHE A 285 10.58 22.88 -11.95
C PHE A 285 10.77 21.57 -12.73
N VAL A 286 9.76 21.18 -13.54
CA VAL A 286 9.77 19.95 -14.35
C VAL A 286 11.00 19.91 -15.27
N GLU A 287 11.26 21.02 -15.96
CA GLU A 287 12.40 21.21 -16.86
C GLU A 287 13.72 20.98 -16.11
N GLU A 288 13.85 21.56 -14.90
CA GLU A 288 15.05 21.45 -14.04
C GLU A 288 15.30 20.03 -13.52
N GLN A 289 14.27 19.17 -13.52
CA GLN A 289 14.39 17.77 -13.08
C GLN A 289 15.12 16.90 -14.12
N ASN A 290 15.17 17.38 -15.39
CA ASN A 290 15.85 16.75 -16.54
C ASN A 290 15.56 15.25 -16.65
N LEU A 291 14.27 14.89 -16.72
CA LEU A 291 13.80 13.51 -16.80
C LEU A 291 13.72 13.07 -18.25
N LYS A 292 14.39 11.93 -18.59
CA LYS A 292 14.46 11.31 -19.91
C LYS A 292 13.07 11.24 -20.57
N ASP A 293 12.09 10.70 -19.84
CA ASP A 293 10.69 10.60 -20.24
C ASP A 293 9.87 10.92 -19.01
N LEU A 294 8.69 11.53 -19.19
CA LEU A 294 7.79 11.85 -18.08
C LEU A 294 6.35 11.75 -18.56
N ARG A 295 5.53 10.99 -17.83
CA ARG A 295 4.11 10.87 -18.14
C ARG A 295 3.42 11.89 -17.26
N VAL A 296 2.47 12.64 -17.81
CA VAL A 296 1.73 13.66 -17.06
C VAL A 296 0.26 13.26 -17.03
N TRP A 297 -0.29 13.16 -15.82
CA TRP A 297 -1.68 12.80 -15.61
C TRP A 297 -2.43 13.91 -14.91
N THR A 298 -3.65 14.17 -15.37
CA THR A 298 -4.52 15.20 -14.80
C THR A 298 -5.89 14.55 -14.56
N SER A 299 -6.79 15.31 -13.93
CA SER A 299 -8.18 14.94 -13.74
C SER A 299 -8.90 15.48 -14.99
N GLN A 300 -10.22 15.38 -15.04
CA GLN A 300 -10.97 15.97 -16.15
C GLN A 300 -11.49 17.36 -15.80
N LEU A 301 -11.10 17.86 -14.62
CA LEU A 301 -11.48 19.18 -14.15
C LEU A 301 -10.52 20.23 -14.67
N LYS A 302 -11.06 21.36 -15.15
CA LYS A 302 -10.37 22.49 -15.78
C LYS A 302 -9.05 22.92 -15.13
N SER A 303 -9.03 23.10 -13.78
CA SER A 303 -7.89 23.61 -13.04
C SER A 303 -6.62 22.75 -13.17
N THR A 304 -6.76 21.40 -13.22
CA THR A 304 -5.60 20.51 -13.40
C THR A 304 -5.11 20.52 -14.85
N ILE A 305 -6.05 20.64 -15.81
CA ILE A 305 -5.75 20.66 -17.26
C ILE A 305 -5.01 21.95 -17.62
N GLN A 306 -5.45 23.09 -17.06
CA GLN A 306 -4.82 24.40 -17.27
C GLN A 306 -3.39 24.39 -16.74
N THR A 307 -3.16 23.72 -15.59
CA THR A 307 -1.85 23.56 -14.96
C THR A 307 -0.92 22.76 -15.88
N ALA A 308 -1.41 21.63 -16.44
CA ALA A 308 -0.67 20.77 -17.36
C ALA A 308 -0.38 21.48 -18.69
N GLU A 309 -1.31 22.35 -19.14
CA GLU A 309 -1.16 23.11 -20.37
C GLU A 309 0.11 23.96 -20.37
N ALA A 310 0.49 24.51 -19.19
CA ALA A 310 1.68 25.32 -18.98
C ALA A 310 3.00 24.55 -19.17
N LEU A 311 2.95 23.20 -19.02
CA LEU A 311 4.14 22.35 -19.13
C LEU A 311 4.64 22.14 -20.55
N ARG A 312 3.73 22.25 -21.54
CA ARG A 312 3.97 21.99 -22.97
C ARG A 312 4.47 20.54 -23.17
N LEU A 313 3.87 19.62 -22.40
CA LEU A 313 4.17 18.21 -22.45
C LEU A 313 2.87 17.46 -22.72
N PRO A 314 2.92 16.28 -23.38
CA PRO A 314 1.67 15.52 -23.56
C PRO A 314 1.13 15.08 -22.19
N TYR A 315 -0.20 15.12 -22.03
CA TYR A 315 -0.82 14.72 -20.78
C TYR A 315 -2.08 13.90 -21.03
N GLU A 316 -2.46 13.11 -20.04
CA GLU A 316 -3.60 12.22 -20.11
C GLU A 316 -4.58 12.59 -19.00
N GLN A 317 -5.85 12.78 -19.36
CA GLN A 317 -6.90 13.13 -18.40
C GLN A 317 -7.58 11.88 -17.87
N TRP A 318 -7.68 11.74 -16.55
CA TRP A 318 -8.35 10.62 -15.91
C TRP A 318 -9.54 11.12 -15.13
N LYS A 319 -10.74 10.59 -15.42
CA LYS A 319 -11.95 10.92 -14.67
C LYS A 319 -11.79 10.43 -13.24
N ALA A 320 -11.02 9.32 -13.03
CA ALA A 320 -10.75 8.77 -11.70
C ALA A 320 -9.96 9.73 -10.79
N LEU A 321 -9.29 10.74 -11.37
CA LEU A 321 -8.51 11.74 -10.63
C LEU A 321 -9.33 12.97 -10.23
N ASN A 322 -10.60 13.05 -10.67
CA ASN A 322 -11.52 14.15 -10.34
C ASN A 322 -11.69 14.23 -8.84
N GLU A 323 -11.76 15.44 -8.28
CA GLU A 323 -11.92 15.63 -6.85
C GLU A 323 -13.13 14.90 -6.28
N ILE A 324 -13.07 14.54 -4.98
CA ILE A 324 -14.18 13.91 -4.25
C ILE A 324 -15.49 14.66 -4.56
N ASP A 325 -16.57 13.91 -4.83
CA ASP A 325 -17.86 14.52 -5.17
C ASP A 325 -18.58 14.88 -3.89
N ALA A 326 -18.87 16.18 -3.70
CA ALA A 326 -19.54 16.66 -2.48
C ALA A 326 -21.07 16.60 -2.53
N GLY A 327 -21.62 16.01 -3.59
CA GLY A 327 -23.06 15.86 -3.79
C GLY A 327 -23.80 17.18 -3.72
N VAL A 328 -24.75 17.29 -2.77
CA VAL A 328 -25.57 18.49 -2.55
C VAL A 328 -24.75 19.71 -2.03
N CYS A 329 -23.57 19.43 -1.43
CA CYS A 329 -22.67 20.45 -0.88
C CYS A 329 -21.69 21.03 -1.90
N GLU A 330 -21.75 20.58 -3.15
CA GLU A 330 -20.87 21.09 -4.22
C GLU A 330 -21.05 22.60 -4.39
N GLU A 331 -19.93 23.34 -4.57
CA GLU A 331 -19.85 24.80 -4.83
C GLU A 331 -20.20 25.68 -3.63
N LEU A 332 -20.37 25.06 -2.45
CA LEU A 332 -20.69 25.74 -1.19
C LEU A 332 -19.41 25.96 -0.41
N THR A 333 -19.43 26.96 0.49
CA THR A 333 -18.30 27.20 1.38
C THR A 333 -18.55 26.29 2.60
N TYR A 334 -17.54 26.06 3.46
CA TYR A 334 -17.73 25.23 4.65
C TYR A 334 -18.67 25.90 5.66
N GLU A 335 -18.72 27.26 5.66
CA GLU A 335 -19.62 28.04 6.52
C GLU A 335 -21.07 27.80 6.08
N GLU A 336 -21.32 27.82 4.76
CA GLU A 336 -22.64 27.57 4.16
C GLU A 336 -23.07 26.12 4.40
N ILE A 337 -22.10 25.17 4.50
CA ILE A 337 -22.39 23.76 4.76
C ILE A 337 -22.86 23.64 6.21
N ARG A 338 -22.12 24.24 7.15
CA ARG A 338 -22.45 24.23 8.58
C ARG A 338 -23.81 24.88 8.88
N ASP A 339 -24.18 25.93 8.13
CA ASP A 339 -25.43 26.64 8.36
C ASP A 339 -26.64 25.99 7.70
N THR A 340 -26.50 25.44 6.47
CA THR A 340 -27.58 24.78 5.73
C THR A 340 -27.74 23.31 6.15
N TYR A 341 -26.61 22.59 6.35
CA TYR A 341 -26.57 21.17 6.72
C TYR A 341 -25.73 20.96 8.01
N PRO A 342 -26.20 21.42 9.20
CA PRO A 342 -25.40 21.25 10.43
C PRO A 342 -25.17 19.81 10.87
N GLU A 343 -26.18 18.93 10.66
CA GLU A 343 -26.10 17.51 11.01
C GLU A 343 -25.03 16.84 10.15
N GLU A 344 -25.06 17.11 8.83
CA GLU A 344 -24.10 16.60 7.86
C GLU A 344 -22.68 17.04 8.17
N TYR A 345 -22.49 18.33 8.53
CA TYR A 345 -21.20 18.94 8.89
C TYR A 345 -20.57 18.22 10.09
N ALA A 346 -21.35 18.05 11.18
CA ALA A 346 -20.90 17.36 12.39
C ALA A 346 -20.57 15.88 12.15
N LEU A 347 -21.41 15.17 11.34
CA LEU A 347 -21.21 13.75 11.00
C LEU A 347 -19.85 13.52 10.30
N ARG A 348 -19.51 14.42 9.34
CA ARG A 348 -18.25 14.39 8.59
C ARG A 348 -17.05 14.63 9.50
N GLU A 349 -17.14 15.64 10.39
CA GLU A 349 -16.10 15.98 11.37
C GLU A 349 -15.77 14.80 12.27
N GLN A 350 -16.80 14.01 12.63
CA GLN A 350 -16.67 12.85 13.50
C GLN A 350 -16.12 11.62 12.79
N ASP A 351 -16.45 11.44 11.50
CA ASP A 351 -16.04 10.25 10.74
C ASP A 351 -15.67 10.64 9.30
N LYS A 352 -14.59 11.42 9.13
CA LYS A 352 -14.16 11.98 7.84
C LYS A 352 -13.84 10.94 6.75
N TYR A 353 -13.34 9.75 7.10
CA TYR A 353 -13.02 8.74 6.08
C TYR A 353 -14.26 8.06 5.49
N TYR A 354 -15.18 7.60 6.36
CA TYR A 354 -16.38 6.86 5.98
C TYR A 354 -17.57 7.71 5.60
N TYR A 355 -17.58 8.97 6.06
CA TYR A 355 -18.67 9.90 5.76
C TYR A 355 -18.88 10.06 4.26
N ARG A 356 -20.11 9.89 3.82
CA ARG A 356 -20.45 10.10 2.43
C ARG A 356 -21.34 11.33 2.33
N TYR A 357 -21.00 12.28 1.45
CA TYR A 357 -21.80 13.47 1.19
C TYR A 357 -23.14 13.03 0.55
N PRO A 358 -24.29 13.68 0.82
CA PRO A 358 -25.55 13.25 0.18
C PRO A 358 -25.50 13.39 -1.33
N THR A 359 -25.70 12.24 -2.05
CA THR A 359 -25.61 12.10 -3.51
C THR A 359 -24.14 12.26 -3.97
N GLY A 360 -23.22 12.18 -3.00
CA GLY A 360 -21.79 12.34 -3.19
C GLY A 360 -20.95 11.16 -2.72
N GLU A 361 -19.69 11.45 -2.43
CA GLU A 361 -18.69 10.43 -2.08
C GLU A 361 -18.08 10.57 -0.71
N SER A 362 -17.37 9.49 -0.32
CA SER A 362 -16.55 9.36 0.87
C SER A 362 -15.10 9.14 0.40
N TYR A 363 -14.12 9.27 1.31
CA TYR A 363 -12.71 8.98 1.04
C TYR A 363 -12.61 7.48 0.70
N GLN A 364 -13.48 6.66 1.32
CA GLN A 364 -13.60 5.23 1.05
C GLN A 364 -13.95 5.00 -0.43
N ASP A 365 -14.88 5.80 -1.02
CA ASP A 365 -15.26 5.72 -2.43
C ASP A 365 -14.10 6.13 -3.32
N LEU A 366 -13.34 7.15 -2.89
CA LEU A 366 -12.16 7.65 -3.61
C LEU A 366 -11.14 6.52 -3.84
N VAL A 367 -10.81 5.74 -2.76
CA VAL A 367 -9.89 4.60 -2.80
C VAL A 367 -10.31 3.63 -3.90
N GLN A 368 -11.61 3.25 -3.94
CA GLN A 368 -12.12 2.33 -4.97
C GLN A 368 -11.91 2.86 -6.38
N ARG A 369 -12.16 4.16 -6.58
CA ARG A 369 -12.00 4.90 -7.84
C ARG A 369 -10.53 4.98 -8.24
N LEU A 370 -9.65 5.19 -7.25
CA LEU A 370 -8.23 5.41 -7.49
C LEU A 370 -7.41 4.11 -7.65
N GLU A 371 -8.01 2.92 -7.35
N GLU A 371 -8.00 2.91 -7.34
CA GLU A 371 -7.36 1.61 -7.50
CA GLU A 371 -7.29 1.63 -7.50
C GLU A 371 -6.70 1.45 -8.89
C GLU A 371 -6.66 1.50 -8.90
N PRO A 372 -7.40 1.73 -10.03
CA PRO A 372 -6.75 1.63 -11.35
C PRO A 372 -5.62 2.65 -11.55
N VAL A 373 -5.70 3.83 -10.89
CA VAL A 373 -4.66 4.87 -10.96
C VAL A 373 -3.38 4.32 -10.31
N ILE A 374 -3.51 3.71 -9.12
CA ILE A 374 -2.41 3.12 -8.35
C ILE A 374 -1.75 1.98 -9.13
N MET A 375 -2.55 1.10 -9.74
CA MET A 375 -2.07 -0.02 -10.54
C MET A 375 -1.26 0.48 -11.75
N GLU A 376 -1.73 1.58 -12.38
CA GLU A 376 -1.03 2.16 -13.50
C GLU A 376 0.23 2.90 -13.06
N LEU A 377 0.20 3.56 -11.87
CA LEU A 377 1.35 4.25 -11.30
C LEU A 377 2.47 3.26 -11.03
N GLU A 378 2.10 2.05 -10.59
CA GLU A 378 3.02 0.95 -10.32
C GLU A 378 3.74 0.48 -11.59
N ARG A 379 2.98 0.33 -12.70
CA ARG A 379 3.49 -0.09 -14.01
C ARG A 379 4.48 0.89 -14.63
N GLN A 380 4.21 2.19 -14.47
CA GLN A 380 4.96 3.31 -15.05
C GLN A 380 6.27 3.62 -14.38
N GLU A 381 7.02 4.56 -14.96
CA GLU A 381 8.29 5.02 -14.43
C GLU A 381 8.16 6.44 -13.86
N ASN A 382 8.61 7.48 -14.60
CA ASN A 382 8.52 8.87 -14.15
C ASN A 382 7.13 9.36 -14.46
N VAL A 383 6.37 9.76 -13.43
CA VAL A 383 4.99 10.24 -13.59
C VAL A 383 4.75 11.50 -12.76
N LEU A 384 4.03 12.46 -13.34
CA LEU A 384 3.60 13.67 -12.66
C LEU A 384 2.08 13.61 -12.63
N VAL A 385 1.49 13.64 -11.44
CA VAL A 385 0.05 13.59 -11.26
C VAL A 385 -0.38 14.95 -10.72
N ILE A 386 -1.16 15.67 -11.52
CA ILE A 386 -1.71 16.99 -11.17
C ILE A 386 -3.16 16.72 -10.76
N CYS A 387 -3.47 16.77 -9.46
CA CYS A 387 -4.82 16.42 -9.04
C CYS A 387 -5.42 17.41 -8.03
N HIS A 388 -6.15 16.90 -7.03
CA HIS A 388 -6.94 17.65 -6.05
C HIS A 388 -6.64 17.17 -4.64
N GLN A 389 -6.92 18.01 -3.63
CA GLN A 389 -6.63 17.79 -2.21
C GLN A 389 -7.00 16.38 -1.69
N ALA A 390 -8.27 15.95 -1.77
CA ALA A 390 -8.70 14.64 -1.28
C ALA A 390 -8.11 13.47 -2.06
N VAL A 391 -8.01 13.60 -3.40
CA VAL A 391 -7.41 12.61 -4.30
C VAL A 391 -5.93 12.41 -3.90
N LEU A 392 -5.20 13.53 -3.72
CA LEU A 392 -3.80 13.56 -3.35
C LEU A 392 -3.57 12.87 -1.99
N ARG A 393 -4.40 13.19 -0.98
CA ARG A 393 -4.33 12.53 0.34
C ARG A 393 -4.46 11.01 0.18
N CYS A 394 -5.40 10.49 -0.67
CA CYS A 394 -5.59 9.06 -0.92
C CYS A 394 -4.38 8.40 -1.52
N LEU A 395 -3.82 9.02 -2.58
CA LEU A 395 -2.65 8.49 -3.28
C LEU A 395 -1.44 8.48 -2.33
N LEU A 396 -1.26 9.58 -1.58
CA LEU A 396 -0.19 9.73 -0.61
C LEU A 396 -0.30 8.70 0.51
N ALA A 397 -1.51 8.41 0.99
CA ALA A 397 -1.74 7.39 2.01
C ALA A 397 -1.30 6.02 1.51
N TYR A 398 -1.46 5.76 0.19
CA TYR A 398 -1.01 4.51 -0.38
C TYR A 398 0.52 4.43 -0.36
N PHE A 399 1.21 5.46 -0.89
CA PHE A 399 2.67 5.50 -0.99
C PHE A 399 3.37 5.57 0.36
N LEU A 400 2.78 6.30 1.33
CA LEU A 400 3.33 6.52 2.67
C LEU A 400 2.79 5.58 3.73
N ASP A 401 1.99 4.56 3.34
CA ASP A 401 1.40 3.57 4.23
C ASP A 401 0.64 4.23 5.42
N LYS A 402 -0.25 5.19 5.11
CA LYS A 402 -1.07 5.87 6.12
C LYS A 402 -2.42 5.18 6.21
N SER A 403 -2.96 5.10 7.43
CA SER A 403 -4.25 4.45 7.70
C SER A 403 -5.43 5.27 7.17
N ALA A 404 -6.62 4.62 7.09
CA ALA A 404 -7.89 5.22 6.68
C ALA A 404 -8.21 6.43 7.59
N GLU A 405 -7.94 6.30 8.90
CA GLU A 405 -8.17 7.33 9.89
C GLU A 405 -7.26 8.57 9.67
N GLU A 406 -5.98 8.36 9.31
CA GLU A 406 -5.03 9.45 9.05
C GLU A 406 -5.29 10.15 7.72
N MET A 407 -5.60 9.36 6.66
CA MET A 407 -5.81 9.79 5.27
C MET A 407 -6.56 11.13 5.08
N PRO A 408 -7.78 11.39 5.63
CA PRO A 408 -8.43 12.68 5.36
C PRO A 408 -7.75 13.92 5.96
N TYR A 409 -6.68 13.74 6.73
CA TYR A 409 -5.98 14.84 7.41
C TYR A 409 -4.54 15.07 6.95
N LEU A 410 -4.08 14.31 5.93
CA LEU A 410 -2.73 14.48 5.39
C LEU A 410 -2.58 15.87 4.78
N LYS A 411 -1.44 16.53 5.04
CA LYS A 411 -1.17 17.87 4.54
C LYS A 411 -0.69 17.83 3.10
N CYS A 412 -1.50 18.42 2.21
CA CYS A 412 -1.25 18.49 0.76
C CYS A 412 -1.46 19.94 0.33
N PRO A 413 -0.54 20.86 0.68
CA PRO A 413 -0.75 22.28 0.33
C PRO A 413 -0.71 22.57 -1.17
N LEU A 414 -1.32 23.69 -1.56
CA LEU A 414 -1.32 24.17 -2.94
C LEU A 414 0.09 24.65 -3.28
N HIS A 415 0.44 24.63 -4.56
CA HIS A 415 1.70 25.13 -5.13
C HIS A 415 2.95 24.45 -4.57
N THR A 416 2.79 23.18 -4.18
CA THR A 416 3.81 22.33 -3.57
C THR A 416 3.83 20.96 -4.23
N VAL A 417 5.00 20.56 -4.74
CA VAL A 417 5.24 19.27 -5.38
C VAL A 417 5.73 18.26 -4.34
N LEU A 418 5.14 17.07 -4.32
CA LEU A 418 5.57 15.99 -3.45
C LEU A 418 6.33 15.02 -4.33
N LYS A 419 7.65 14.97 -4.14
CA LYS A 419 8.58 14.14 -4.91
C LYS A 419 8.77 12.83 -4.18
N LEU A 420 8.30 11.73 -4.79
CA LEU A 420 8.38 10.40 -4.20
C LEU A 420 9.45 9.55 -4.88
N THR A 421 10.43 9.09 -4.10
CA THR A 421 11.51 8.25 -4.59
C THR A 421 11.45 6.88 -3.92
N PRO A 422 11.17 5.80 -4.68
CA PRO A 422 11.10 4.46 -4.07
C PRO A 422 12.50 4.02 -3.65
N VAL A 423 12.65 3.74 -2.34
CA VAL A 423 13.91 3.32 -1.72
C VAL A 423 13.62 2.37 -0.55
N ALA A 424 14.40 1.26 -0.45
CA ALA A 424 14.31 0.19 0.56
C ALA A 424 12.93 -0.49 0.58
N TYR A 425 12.12 -0.25 1.63
CA TYR A 425 10.78 -0.82 1.78
C TYR A 425 9.67 0.25 1.80
N GLY A 426 9.80 1.23 0.91
CA GLY A 426 8.82 2.31 0.79
C GLY A 426 9.24 3.47 -0.08
N CYS A 427 8.76 4.67 0.29
CA CYS A 427 9.04 5.91 -0.43
C CYS A 427 9.73 6.96 0.42
N ARG A 428 10.73 7.62 -0.18
CA ARG A 428 11.37 8.79 0.38
C ARG A 428 10.50 9.93 -0.15
N VAL A 429 10.07 10.84 0.72
CA VAL A 429 9.23 11.97 0.31
C VAL A 429 9.96 13.29 0.53
N GLU A 430 10.08 14.08 -0.54
CA GLU A 430 10.66 15.42 -0.55
C GLU A 430 9.54 16.36 -0.93
N SER A 431 9.44 17.48 -0.24
CA SER A 431 8.43 18.49 -0.54
C SER A 431 9.13 19.67 -1.25
N ILE A 432 8.55 20.17 -2.36
CA ILE A 432 9.13 21.30 -3.09
C ILE A 432 8.06 22.38 -3.31
N TYR A 433 8.11 23.44 -2.50
CA TYR A 433 7.21 24.57 -2.60
C TYR A 433 7.75 25.46 -3.73
N LEU A 434 6.87 25.81 -4.70
CA LEU A 434 7.32 26.52 -5.89
C LEU A 434 7.23 28.06 -5.79
N ASN A 435 7.27 28.57 -4.54
CA ASN A 435 7.36 29.99 -4.18
C ASN A 435 6.27 30.88 -4.82
N VAL A 436 5.03 30.40 -4.88
CA VAL A 436 3.87 31.13 -5.36
C VAL A 436 2.82 31.06 -4.26
N GLU A 437 2.36 32.23 -3.78
CA GLU A 437 1.35 32.34 -2.72
C GLU A 437 0.02 31.75 -3.17
N SER A 438 -0.75 31.25 -2.19
CA SER A 438 -2.08 30.69 -2.37
C SER A 438 -2.80 30.73 -1.04
N VAL A 439 -4.10 30.44 -1.06
CA VAL A 439 -4.90 30.31 0.16
C VAL A 439 -4.55 28.93 0.76
N CYS A 440 -4.96 28.69 2.03
CA CYS A 440 -4.75 27.41 2.70
C CYS A 440 -6.09 26.70 2.74
N THR A 441 -6.14 25.45 2.25
CA THR A 441 -7.39 24.69 2.23
C THR A 441 -7.37 23.54 3.26
N HIS A 442 -6.28 23.44 4.04
CA HIS A 442 -6.15 22.40 5.06
C HIS A 442 -6.97 22.74 6.30
N ARG A 443 -7.72 21.75 6.80
CA ARG A 443 -8.56 21.86 8.00
C ARG A 443 -8.27 20.66 8.90
N GLU A 444 -7.73 20.94 10.11
CA GLU A 444 -7.38 19.94 11.12
C GLU A 444 -8.64 19.38 11.78
N ARG A 445 -8.53 18.21 12.44
CA ARG A 445 -9.66 17.58 13.15
C ARG A 445 -10.09 18.36 14.41
N SER A 446 -11.33 18.12 14.89
CA SER A 446 -11.89 18.77 16.09
C SER A 446 -12.28 17.75 17.15
P PO4 B . 14.47 -11.41 1.63
O1 PO4 B . 15.16 -10.17 1.05
O2 PO4 B . 13.97 -12.37 0.46
O3 PO4 B . 15.49 -12.22 2.56
O4 PO4 B . 13.22 -10.97 2.53
P PHS C . -8.67 21.31 -5.05
O1P PHS C . -9.84 20.42 -5.25
O2P PHS C . -7.54 20.66 -4.11
O3P PHS C . -9.12 22.76 -4.50
O1 F6P D . -10.68 22.79 -0.37
C1 F6P D . -11.00 22.37 -1.70
C2 F6P D . -11.24 20.85 -1.76
O2 F6P D . -10.26 20.23 -2.59
C3 F6P D . -12.65 20.54 -2.26
O3 F6P D . -12.70 20.45 -3.69
C4 F6P D . -12.99 19.22 -1.59
O4 F6P D . -14.39 19.13 -1.30
C5 F6P D . -12.19 19.29 -0.29
O5 F6P D . -11.15 20.24 -0.48
C6 F6P D . -11.60 17.97 0.17
O6 F6P D . -11.01 18.21 1.46
P F6P D . -11.79 17.91 2.84
O1P F6P D . -13.12 18.62 2.78
O2P F6P D . -11.94 16.40 2.83
O3P F6P D . -10.85 18.44 3.90
C BKI E . 15.45 -3.64 -2.26
N BKI E . 13.82 -6.83 -4.48
O BKI E . 13.19 -10.81 -6.78
BR BKI E . 6.97 -8.89 -8.69
C1 BKI E . 15.22 -3.50 -3.62
N1 BKI E . 15.62 -8.47 -4.43
C2 BKI E . 14.72 -4.56 -4.35
N2 BKI E . 15.10 -10.45 -5.60
C3 BKI E . 14.41 -5.76 -3.72
C4 BKI E . 14.64 -5.90 -2.35
C5 BKI E . 15.16 -4.84 -1.63
C6 BKI E . 12.56 -6.78 -5.01
C7 BKI E . 12.26 -7.93 -5.69
C8 BKI E . 13.42 -8.77 -5.57
C9 BKI E . 14.39 -8.04 -4.81
C10 BKI E . 15.91 -9.67 -4.84
C11 BKI E . 13.83 -10.08 -6.04
C12 BKI E . 10.97 -8.17 -6.39
C13 BKI E . 10.28 -7.10 -6.96
C14 BKI E . 9.10 -7.31 -7.64
C15 BKI E . 8.60 -8.59 -7.75
C16 BKI E . 9.25 -9.67 -7.17
C17 BKI E . 10.44 -9.45 -6.50
#